data_7PC5
#
_entry.id   7PC5
#
_cell.length_a   54.110
_cell.length_b   60.350
_cell.length_c   181.680
_cell.angle_alpha   90.000
_cell.angle_beta   90.000
_cell.angle_gamma   90.000
#
_symmetry.space_group_name_H-M   'P 2 21 21'
#
loop_
_entity.id
_entity.type
_entity.pdbx_description
1 polymer 'PDZ domain-containing protein 7,Annexin A2'
2 polymer 'Exocyst complex component 4'
3 non-polymer 'CALCIUM ION'
4 non-polymer GLYCEROL
5 water water
#
loop_
_entity_poly.entity_id
_entity_poly.type
_entity_poly.pdbx_seq_one_letter_code
_entity_poly.pdbx_strand_id
1 'polypeptide(L)'
;GSHMGGELKTVTLSKMKQSLGISISGGIESKVQPMVKIEKIFPGGAAFLSGALQAGFELVAVDGENLEQVTHQRAVDTIR
RAYRNKAREPMELVVRVPGPSGSAYGSVKAYTNFDAERDALNIETAIKTKGVDEVTIVNILTNRSNEQRQDIAFAYQRRT
KKELASALKSALSGHLETVILGLLKTPAQYDASELKASMKGLGTDEDSLIEIICSRTNQELQEINRVYKEMYKTDLEKDI
ISDTSGDFRKLMVALAKGRRAEDGSVIDYELIDQDARDLYDAGVKRKGTDVPKWISIMTERSVPHLQKVFDRYKSYSPYD
MLESIRKEVKGDLENAFLNLVQCIQNKPLYFADRLYDSMKGKGTRDKVLIRIMVSRSEVDMLKIRSEFKRKYGKSLYYYI
QQDTKGDYQKALLYLCGGDD
;
A
2 'polypeptide(L)' ATKDKKITTV B
#
# COMPACT_ATOMS: atom_id res chain seq x y z
N GLU A 7 -20.83 -18.56 -13.44
CA GLU A 7 -21.33 -18.55 -12.06
C GLU A 7 -20.18 -18.68 -11.04
N LEU A 8 -19.28 -19.63 -11.28
CA LEU A 8 -18.13 -19.80 -10.39
C LEU A 8 -17.15 -18.64 -10.53
N LYS A 9 -16.67 -18.14 -9.39
CA LYS A 9 -15.81 -16.96 -9.38
C LYS A 9 -14.85 -17.02 -8.19
N THR A 10 -13.59 -16.69 -8.44
CA THR A 10 -12.58 -16.62 -7.39
C THR A 10 -12.41 -15.16 -7.01
N VAL A 11 -12.61 -14.84 -5.74
CA VAL A 11 -12.49 -13.49 -5.23
C VAL A 11 -11.31 -13.46 -4.28
N THR A 12 -10.35 -12.58 -4.54
CA THR A 12 -9.25 -12.34 -3.62
C THR A 12 -9.61 -11.18 -2.71
N LEU A 13 -9.41 -11.36 -1.40
CA LEU A 13 -9.68 -10.35 -0.39
C LEU A 13 -8.48 -10.24 0.51
N SER A 14 -8.07 -9.01 0.81
CA SER A 14 -7.04 -8.83 1.83
C SER A 14 -7.57 -9.29 3.19
N LYS A 15 -6.67 -9.80 4.02
CA LYS A 15 -7.07 -10.08 5.39
C LYS A 15 -6.59 -9.02 6.37
N MET A 16 -6.28 -7.80 5.87
CA MET A 16 -5.74 -6.77 6.76
C MET A 16 -6.79 -6.24 7.72
N LYS A 17 -8.07 -6.12 7.30
CA LYS A 17 -9.08 -5.63 8.22
C LYS A 17 -9.27 -6.58 9.42
N GLN A 18 -9.59 -6.01 10.59
CA GLN A 18 -9.77 -6.83 11.77
C GLN A 18 -10.86 -7.88 11.56
N SER A 19 -11.92 -7.51 10.86
CA SER A 19 -13.04 -8.43 10.66
C SER A 19 -13.34 -8.60 9.18
N LEU A 20 -13.67 -9.85 8.81
CA LEU A 20 -14.13 -10.12 7.46
C LEU A 20 -15.38 -9.32 7.14
N GLY A 21 -16.26 -9.15 8.11
CA GLY A 21 -17.45 -8.33 7.91
C GLY A 21 -18.56 -9.01 7.14
N ILE A 22 -18.81 -10.29 7.42
CA ILE A 22 -19.95 -10.98 6.82
C ILE A 22 -20.58 -11.86 7.88
N SER A 23 -21.88 -12.12 7.68
CA SER A 23 -22.57 -13.22 8.32
C SER A 23 -22.96 -14.22 7.24
N ILE A 24 -22.97 -15.49 7.60
CA ILE A 24 -23.26 -16.57 6.67
C ILE A 24 -24.48 -17.33 7.17
N SER A 25 -25.03 -18.16 6.28
CA SER A 25 -26.21 -18.96 6.53
C SER A 25 -26.12 -20.29 5.81
N GLY A 26 -26.80 -21.30 6.35
CA GLY A 26 -26.91 -22.59 5.69
C GLY A 26 -25.84 -23.57 6.13
N GLY A 27 -25.97 -24.78 5.59
CA GLY A 27 -25.15 -25.93 5.92
C GLY A 27 -25.96 -27.19 5.72
N ILE A 28 -25.26 -28.33 5.66
CA ILE A 28 -25.96 -29.59 5.33
C ILE A 28 -26.80 -30.10 6.49
N GLU A 29 -26.56 -29.65 7.72
CA GLU A 29 -27.51 -29.96 8.79
C GLU A 29 -28.84 -29.22 8.64
N SER A 30 -28.96 -28.35 7.64
CA SER A 30 -30.15 -27.55 7.40
C SER A 30 -30.82 -27.99 6.11
N LYS A 31 -32.14 -28.25 6.18
CA LYS A 31 -32.91 -28.61 4.99
C LYS A 31 -33.37 -27.37 4.23
N VAL A 32 -33.54 -26.24 4.93
CA VAL A 32 -33.93 -25.00 4.26
C VAL A 32 -32.80 -24.45 3.40
N GLN A 33 -31.55 -24.70 3.79
CA GLN A 33 -30.38 -24.15 3.09
C GLN A 33 -29.21 -25.12 3.20
N PRO A 34 -29.20 -26.18 2.38
CA PRO A 34 -28.05 -27.10 2.41
C PRO A 34 -26.73 -26.42 2.08
N MET A 35 -26.75 -25.40 1.23
CA MET A 35 -25.55 -24.68 0.83
C MET A 35 -25.34 -23.46 1.72
N VAL A 36 -24.09 -23.21 2.08
CA VAL A 36 -23.76 -22.01 2.83
C VAL A 36 -23.72 -20.83 1.88
N LYS A 37 -24.40 -19.74 2.24
CA LYS A 37 -24.40 -18.50 1.47
C LYS A 37 -24.16 -17.30 2.40
N ILE A 38 -23.91 -16.14 1.79
CA ILE A 38 -23.67 -14.91 2.53
C ILE A 38 -25.02 -14.28 2.87
N GLU A 39 -25.25 -14.01 4.16
CA GLU A 39 -26.51 -13.37 4.53
C GLU A 39 -26.42 -11.86 4.46
N LYS A 40 -25.34 -11.28 5.01
CA LYS A 40 -25.19 -9.85 5.07
C LYS A 40 -23.71 -9.51 4.97
N ILE A 41 -23.42 -8.40 4.29
CA ILE A 41 -22.08 -7.83 4.21
C ILE A 41 -22.10 -6.55 5.04
N PHE A 42 -21.14 -6.43 5.96
CA PHE A 42 -21.16 -5.24 6.78
C PHE A 42 -20.10 -4.23 6.33
N PRO A 43 -20.41 -2.94 6.33
CA PRO A 43 -19.34 -1.95 6.14
C PRO A 43 -18.35 -1.99 7.30
N GLY A 44 -17.09 -1.74 6.99
CA GLY A 44 -16.04 -1.83 7.97
C GLY A 44 -15.19 -3.09 7.90
N GLY A 45 -15.59 -4.09 7.09
CA GLY A 45 -14.87 -5.33 6.97
C GLY A 45 -14.28 -5.54 5.58
N ALA A 46 -13.51 -6.63 5.47
CA ALA A 46 -12.78 -6.92 4.24
C ALA A 46 -13.71 -7.15 3.07
N ALA A 47 -14.79 -7.90 3.28
CA ALA A 47 -15.69 -8.25 2.18
C ALA A 47 -16.29 -7.02 1.52
N PHE A 48 -16.78 -6.07 2.31
CA PHE A 48 -17.33 -4.84 1.75
C PHE A 48 -16.30 -4.12 0.89
N LEU A 49 -15.04 -4.10 1.33
CA LEU A 49 -13.99 -3.38 0.62
C LEU A 49 -13.70 -3.97 -0.75
N SER A 50 -13.87 -5.27 -0.89
CA SER A 50 -13.61 -5.91 -2.17
C SER A 50 -14.57 -5.43 -3.25
N GLY A 51 -15.77 -5.01 -2.87
CA GLY A 51 -16.77 -4.68 -3.85
C GLY A 51 -17.07 -5.79 -4.84
N ALA A 52 -16.85 -7.05 -4.43
CA ALA A 52 -17.05 -8.19 -5.32
C ALA A 52 -17.85 -9.31 -4.66
N LEU A 53 -18.51 -9.05 -3.54
CA LEU A 53 -19.24 -10.08 -2.80
C LEU A 53 -20.61 -9.55 -2.41
N GLN A 54 -21.65 -10.31 -2.72
CA GLN A 54 -23.01 -9.88 -2.45
C GLN A 54 -23.71 -10.94 -1.61
N ALA A 55 -24.65 -10.49 -0.79
CA ALA A 55 -25.50 -11.43 -0.06
C ALA A 55 -26.23 -12.31 -1.06
N GLY A 56 -26.23 -13.62 -0.80
CA GLY A 56 -26.83 -14.59 -1.68
C GLY A 56 -25.82 -15.45 -2.43
N PHE A 57 -24.56 -15.02 -2.50
CA PHE A 57 -23.53 -15.80 -3.17
C PHE A 57 -23.31 -17.13 -2.46
N GLU A 58 -23.13 -18.19 -3.24
CA GLU A 58 -22.96 -19.55 -2.72
C GLU A 58 -21.48 -19.84 -2.47
N LEU A 59 -21.10 -19.96 -1.20
CA LEU A 59 -19.71 -20.20 -0.83
C LEU A 59 -19.29 -21.61 -1.22
N VAL A 60 -18.16 -21.70 -1.92
CA VAL A 60 -17.65 -22.97 -2.44
C VAL A 60 -16.35 -23.36 -1.76
N ALA A 61 -15.39 -22.44 -1.71
CA ALA A 61 -14.09 -22.75 -1.15
C ALA A 61 -13.46 -21.47 -0.60
N VAL A 62 -12.68 -21.63 0.46
CA VAL A 62 -11.91 -20.54 1.04
C VAL A 62 -10.49 -21.04 1.30
N ASP A 63 -9.51 -20.32 0.76
CA ASP A 63 -8.10 -20.69 0.82
C ASP A 63 -7.91 -22.19 0.58
N GLY A 64 -8.55 -22.68 -0.48
CA GLY A 64 -8.44 -24.07 -0.87
C GLY A 64 -9.29 -25.05 -0.10
N GLU A 65 -9.72 -24.71 1.12
CA GLU A 65 -10.58 -25.59 1.90
C GLU A 65 -12.00 -25.55 1.36
N ASN A 66 -12.72 -26.67 1.49
CA ASN A 66 -14.02 -26.80 0.87
C ASN A 66 -15.13 -26.33 1.81
N LEU A 67 -16.08 -25.58 1.24
CA LEU A 67 -17.26 -25.10 1.95
C LEU A 67 -18.56 -25.69 1.40
N GLU A 68 -18.48 -26.49 0.34
CA GLU A 68 -19.67 -27.08 -0.27
C GLU A 68 -20.12 -28.32 0.52
N GLN A 69 -21.41 -28.36 0.85
CA GLN A 69 -22.01 -29.47 1.58
C GLN A 69 -21.31 -29.75 2.91
N VAL A 70 -21.12 -28.71 3.72
CA VAL A 70 -20.54 -28.86 5.04
C VAL A 70 -21.54 -28.34 6.07
N THR A 71 -21.29 -28.70 7.33
CA THR A 71 -22.06 -28.17 8.43
C THR A 71 -21.90 -26.66 8.54
N HIS A 72 -22.89 -26.01 9.18
CA HIS A 72 -22.80 -24.58 9.43
C HIS A 72 -21.59 -24.24 10.29
N GLN A 73 -21.31 -25.05 11.32
CA GLN A 73 -20.17 -24.80 12.17
C GLN A 73 -18.85 -25.03 11.44
N ARG A 74 -18.81 -26.07 10.58
CA ARG A 74 -17.61 -26.31 9.79
C ARG A 74 -17.27 -25.10 8.93
N ALA A 75 -18.28 -24.53 8.25
CA ALA A 75 -18.04 -23.35 7.43
C ALA A 75 -17.60 -22.16 8.28
N VAL A 76 -18.26 -21.93 9.41
CA VAL A 76 -17.89 -20.82 10.28
C VAL A 76 -16.42 -20.91 10.68
N ASP A 77 -16.03 -22.07 11.23
CA ASP A 77 -14.67 -22.24 11.75
C ASP A 77 -13.62 -22.26 10.64
N THR A 78 -13.97 -22.83 9.46
CA THR A 78 -13.01 -22.89 8.36
C THR A 78 -12.72 -21.50 7.81
N ILE A 79 -13.76 -20.68 7.63
CA ILE A 79 -13.55 -19.31 7.15
C ILE A 79 -12.82 -18.48 8.21
N ARG A 80 -13.19 -18.63 9.48
CA ARG A 80 -12.49 -17.93 10.56
C ARG A 80 -11.02 -18.31 10.59
N ARG A 81 -10.73 -19.62 10.52
CA ARG A 81 -9.33 -20.05 10.53
C ARG A 81 -8.57 -19.48 9.34
N ALA A 82 -9.20 -19.46 8.16
CA ALA A 82 -8.55 -18.86 7.00
C ALA A 82 -8.30 -17.37 7.21
N TYR A 83 -9.29 -16.65 7.73
CA TYR A 83 -9.16 -15.19 7.84
C TYR A 83 -8.14 -14.79 8.90
N ARG A 84 -7.96 -15.62 9.94
CA ARG A 84 -6.99 -15.36 10.99
C ARG A 84 -5.58 -15.79 10.60
N ASN A 85 -5.42 -16.56 9.53
CA ASN A 85 -4.12 -16.99 9.02
C ASN A 85 -3.55 -15.88 8.14
N LYS A 86 -2.89 -14.92 8.79
CA LYS A 86 -2.35 -13.78 8.07
C LYS A 86 -1.14 -14.14 7.21
N ALA A 87 -0.54 -15.31 7.43
CA ALA A 87 0.62 -15.71 6.64
C ALA A 87 0.30 -15.96 5.18
N ARG A 88 -0.98 -16.10 4.82
CA ARG A 88 -1.40 -16.33 3.44
C ARG A 88 -2.27 -15.15 3.02
N GLU A 89 -1.66 -14.18 2.33
CA GLU A 89 -2.31 -12.97 1.87
C GLU A 89 -2.13 -12.85 0.37
N PRO A 90 -3.22 -12.65 -0.41
CA PRO A 90 -4.61 -12.48 0.02
C PRO A 90 -5.36 -13.79 0.29
N MET A 91 -6.60 -13.64 0.74
CA MET A 91 -7.50 -14.77 0.92
C MET A 91 -8.27 -15.02 -0.37
N GLU A 92 -8.43 -16.28 -0.73
CA GLU A 92 -9.09 -16.67 -1.97
C GLU A 92 -10.45 -17.25 -1.62
N LEU A 93 -11.49 -16.66 -2.18
CA LEU A 93 -12.87 -17.01 -1.85
C LEU A 93 -13.58 -17.45 -3.12
N VAL A 94 -13.70 -18.76 -3.33
CA VAL A 94 -14.40 -19.28 -4.51
C VAL A 94 -15.89 -19.30 -4.20
N VAL A 95 -16.68 -18.64 -5.05
CA VAL A 95 -18.09 -18.44 -4.80
C VAL A 95 -18.85 -18.74 -6.08
N ARG A 96 -20.16 -19.00 -5.93
CA ARG A 96 -21.05 -19.33 -7.05
C ARG A 96 -22.22 -18.34 -7.07
N VAL A 97 -22.30 -17.57 -8.15
CA VAL A 97 -23.38 -16.62 -8.39
C VAL A 97 -24.66 -17.40 -8.66
N PRO A 98 -25.87 -16.81 -8.49
CA PRO A 98 -27.18 -17.40 -8.81
C PRO A 98 -27.18 -18.40 -9.97
N VAL A 108 -24.95 -6.09 -11.98
CA VAL A 108 -25.09 -5.41 -10.69
C VAL A 108 -23.74 -5.35 -9.97
N LYS A 109 -23.40 -4.16 -9.47
CA LYS A 109 -22.19 -3.97 -8.69
C LYS A 109 -22.48 -4.18 -7.21
N ALA A 110 -21.49 -4.65 -6.48
CA ALA A 110 -21.68 -4.81 -5.05
C ALA A 110 -21.85 -3.44 -4.38
N TYR A 111 -21.02 -2.46 -4.74
CA TYR A 111 -21.09 -1.09 -4.24
C TYR A 111 -21.80 -0.25 -5.30
N THR A 112 -23.07 0.03 -5.10
CA THR A 112 -23.87 0.63 -6.16
C THR A 112 -23.84 2.16 -6.10
N ASN A 113 -24.51 2.77 -7.09
CA ASN A 113 -24.72 4.22 -7.06
C ASN A 113 -25.42 4.65 -5.77
N PHE A 114 -26.41 3.87 -5.33
CA PHE A 114 -27.07 4.20 -4.06
C PHE A 114 -26.13 4.14 -2.86
N ASP A 115 -25.24 3.13 -2.81
CA ASP A 115 -24.28 3.08 -1.70
C ASP A 115 -23.39 4.30 -1.69
N ALA A 116 -22.92 4.72 -2.87
CA ALA A 116 -22.07 5.91 -2.95
C ALA A 116 -22.84 7.16 -2.53
N GLU A 117 -24.11 7.24 -2.96
CA GLU A 117 -24.93 8.39 -2.60
C GLU A 117 -25.19 8.42 -1.09
N ARG A 118 -25.40 7.26 -0.49
CA ARG A 118 -25.61 7.20 0.97
C ARG A 118 -24.35 7.64 1.73
N ASP A 119 -23.20 7.14 1.30
CA ASP A 119 -21.95 7.56 1.93
C ASP A 119 -21.75 9.07 1.80
N ALA A 120 -22.01 9.60 0.60
CA ALA A 120 -21.86 11.05 0.39
C ALA A 120 -22.84 11.84 1.24
N LEU A 121 -24.09 11.36 1.32
N LEU A 121 -24.08 11.35 1.33
CA LEU A 121 -25.07 12.02 2.18
CA LEU A 121 -25.07 12.02 2.17
C LEU A 121 -24.59 12.06 3.62
C LEU A 121 -24.62 12.04 3.63
N ASN A 122 -24.08 10.91 4.11
CA ASN A 122 -23.66 10.84 5.51
C ASN A 122 -22.43 11.72 5.76
N ILE A 123 -21.53 11.84 4.78
CA ILE A 123 -20.39 12.76 4.93
C ILE A 123 -20.87 14.20 4.93
N GLU A 124 -21.82 14.54 4.03
CA GLU A 124 -22.35 15.90 4.04
C GLU A 124 -22.97 16.22 5.41
N THR A 125 -23.75 15.27 5.96
CA THR A 125 -24.33 15.47 7.28
C THR A 125 -23.26 15.76 8.32
N ALA A 126 -22.19 14.98 8.29
CA ALA A 126 -21.12 15.10 9.26
C ALA A 126 -20.38 16.42 9.13
N ILE A 127 -20.18 16.88 7.89
CA ILE A 127 -19.50 18.16 7.65
C ILE A 127 -20.34 19.32 8.20
N LYS A 128 -21.66 19.26 7.97
CA LYS A 128 -22.56 20.35 8.33
C LYS A 128 -23.04 20.30 9.77
N THR A 129 -22.74 19.22 10.50
CA THR A 129 -23.07 19.15 11.92
C THR A 129 -22.28 20.19 12.69
N LYS A 130 -22.94 20.85 13.66
CA LYS A 130 -22.26 21.86 14.45
C LYS A 130 -21.02 21.27 15.11
N GLY A 131 -19.87 21.92 14.90
CA GLY A 131 -18.61 21.42 15.40
C GLY A 131 -17.91 20.41 14.51
N VAL A 132 -18.57 19.92 13.46
CA VAL A 132 -18.09 18.90 12.52
C VAL A 132 -18.00 17.52 13.18
N ASP A 133 -18.66 16.52 12.59
CA ASP A 133 -18.60 15.14 13.12
C ASP A 133 -17.44 14.39 12.46
N GLU A 134 -16.23 14.57 13.02
CA GLU A 134 -15.05 13.94 12.43
C GLU A 134 -15.09 12.42 12.57
N VAL A 135 -15.66 11.91 13.66
CA VAL A 135 -15.72 10.46 13.87
C VAL A 135 -16.39 9.79 12.68
N THR A 136 -17.52 10.33 12.24
CA THR A 136 -18.24 9.71 11.12
C THR A 136 -17.45 9.83 9.82
N ILE A 137 -16.83 10.98 9.60
CA ILE A 137 -16.00 11.16 8.40
C ILE A 137 -14.90 10.12 8.38
N VAL A 138 -14.21 9.94 9.51
CA VAL A 138 -13.13 8.94 9.55
C VAL A 138 -13.70 7.54 9.37
N ASN A 139 -14.77 7.22 10.10
N ASN A 139 -14.78 7.22 10.07
CA ASN A 139 -15.37 5.89 10.08
CA ASN A 139 -15.27 5.85 10.05
C ASN A 139 -15.72 5.46 8.65
C ASN A 139 -15.76 5.44 8.67
N ILE A 140 -16.24 6.39 7.86
CA ILE A 140 -16.57 6.07 6.48
C ILE A 140 -15.31 5.98 5.63
N LEU A 141 -14.55 7.08 5.54
CA LEU A 141 -13.57 7.15 4.47
C LEU A 141 -12.38 6.20 4.68
N THR A 142 -11.97 5.95 5.93
CA THR A 142 -10.86 5.01 6.10
C THR A 142 -11.32 3.56 6.03
N ASN A 143 -12.62 3.33 5.80
CA ASN A 143 -13.16 1.97 5.66
C ASN A 143 -13.86 1.80 4.31
N ARG A 144 -13.41 2.52 3.32
CA ARG A 144 -13.84 2.37 1.93
C ARG A 144 -12.58 2.24 1.09
N SER A 145 -12.67 1.49 0.00
CA SER A 145 -11.55 1.38 -0.92
C SER A 145 -11.30 2.69 -1.64
N ASN A 146 -10.12 2.80 -2.25
CA ASN A 146 -9.85 4.02 -3.00
C ASN A 146 -10.88 4.23 -4.10
N GLU A 147 -11.25 3.15 -4.79
CA GLU A 147 -12.24 3.25 -5.85
C GLU A 147 -13.58 3.72 -5.27
N GLN A 148 -13.96 3.18 -4.12
CA GLN A 148 -15.22 3.63 -3.54
C GLN A 148 -15.15 5.12 -3.18
N ARG A 149 -14.00 5.59 -2.71
CA ARG A 149 -13.84 7.02 -2.39
C ARG A 149 -14.01 7.89 -3.65
N GLN A 150 -13.56 7.40 -4.81
CA GLN A 150 -13.79 8.18 -6.01
C GLN A 150 -15.29 8.25 -6.32
N ASP A 151 -16.00 7.13 -6.17
CA ASP A 151 -17.46 7.13 -6.35
C ASP A 151 -18.14 8.07 -5.38
N ILE A 152 -17.69 8.07 -4.12
CA ILE A 152 -18.27 8.96 -3.11
C ILE A 152 -18.04 10.42 -3.48
N ALA A 153 -16.82 10.78 -3.90
CA ALA A 153 -16.57 12.16 -4.31
C ALA A 153 -17.45 12.57 -5.50
N PHE A 154 -17.64 11.67 -6.46
CA PHE A 154 -18.51 11.97 -7.58
C PHE A 154 -19.94 12.22 -7.12
N ALA A 155 -20.45 11.36 -6.23
CA ALA A 155 -21.81 11.52 -5.74
C ALA A 155 -21.94 12.77 -4.90
N TYR A 156 -20.90 13.09 -4.12
CA TYR A 156 -20.93 14.30 -3.30
C TYR A 156 -21.06 15.55 -4.15
N GLN A 157 -20.27 15.64 -5.23
CA GLN A 157 -20.34 16.83 -6.06
C GLN A 157 -21.69 16.93 -6.75
N ARG A 158 -22.24 15.80 -7.18
CA ARG A 158 -23.55 15.81 -7.82
C ARG A 158 -24.63 16.34 -6.87
N ARG A 159 -24.52 16.02 -5.57
N ARG A 159 -24.51 15.99 -5.57
CA ARG A 159 -25.60 16.46 -4.68
CA ARG A 159 -25.51 16.40 -4.58
C ARG A 159 -25.37 17.86 -4.10
C ARG A 159 -25.36 17.87 -4.19
N THR A 160 -24.14 18.34 -3.98
CA THR A 160 -23.89 19.65 -3.41
C THR A 160 -23.45 20.70 -4.41
N LYS A 161 -22.98 20.30 -5.58
CA LYS A 161 -22.32 21.17 -6.56
C LYS A 161 -21.01 21.72 -6.03
N LYS A 162 -20.46 21.08 -4.99
CA LYS A 162 -19.17 21.41 -4.42
C LYS A 162 -18.30 20.16 -4.41
N GLU A 163 -16.98 20.35 -4.56
CA GLU A 163 -16.08 19.22 -4.53
C GLU A 163 -15.85 18.73 -3.10
N LEU A 164 -15.85 17.41 -2.93
CA LEU A 164 -15.70 16.82 -1.61
C LEU A 164 -14.36 17.20 -0.99
N ALA A 165 -13.29 17.19 -1.78
CA ALA A 165 -11.98 17.55 -1.22
C ALA A 165 -12.01 18.98 -0.68
N SER A 166 -12.68 19.90 -1.39
CA SER A 166 -12.70 21.27 -0.92
C SER A 166 -13.53 21.39 0.35
N ALA A 167 -14.65 20.67 0.42
CA ALA A 167 -15.48 20.74 1.61
C ALA A 167 -14.75 20.18 2.82
N LEU A 168 -13.98 19.12 2.63
CA LEU A 168 -13.27 18.52 3.75
C LEU A 168 -12.04 19.33 4.14
N LYS A 169 -11.39 19.96 3.17
CA LYS A 169 -10.30 20.88 3.52
C LYS A 169 -10.81 21.97 4.43
N SER A 170 -12.01 22.46 4.19
CA SER A 170 -12.54 23.49 5.06
C SER A 170 -13.03 22.93 6.39
N ALA A 171 -13.54 21.69 6.42
CA ALA A 171 -14.10 21.19 7.67
C ALA A 171 -13.06 20.59 8.62
N LEU A 172 -11.91 20.15 8.11
CA LEU A 172 -10.92 19.44 8.91
C LEU A 172 -9.70 20.30 9.16
N SER A 173 -8.80 19.82 10.03
CA SER A 173 -7.56 20.57 10.24
C SER A 173 -6.48 19.60 10.72
N GLY A 174 -5.27 20.13 10.82
CA GLY A 174 -4.22 19.33 11.47
C GLY A 174 -3.85 18.10 10.67
N HIS A 175 -3.28 17.12 11.38
CA HIS A 175 -2.87 15.88 10.72
C HIS A 175 -4.05 15.10 10.16
N LEU A 176 -5.22 15.16 10.82
CA LEU A 176 -6.37 14.44 10.25
C LEU A 176 -6.70 14.94 8.85
N GLU A 177 -6.66 16.26 8.66
CA GLU A 177 -6.90 16.84 7.34
C GLU A 177 -5.91 16.24 6.32
N THR A 178 -4.64 16.14 6.71
CA THR A 178 -3.67 15.57 5.79
C THR A 178 -4.01 14.14 5.42
N VAL A 179 -4.37 13.31 6.40
CA VAL A 179 -4.74 11.93 6.11
C VAL A 179 -5.94 11.88 5.15
N ILE A 180 -6.99 12.61 5.50
CA ILE A 180 -8.24 12.47 4.74
C ILE A 180 -8.07 12.97 3.31
N LEU A 181 -7.43 14.13 3.12
CA LEU A 181 -7.26 14.64 1.77
C LEU A 181 -6.34 13.71 0.97
N GLY A 182 -5.36 13.08 1.64
CA GLY A 182 -4.55 12.10 0.92
C GLY A 182 -5.34 10.89 0.45
N LEU A 183 -6.25 10.41 1.29
CA LEU A 183 -7.07 9.24 0.95
C LEU A 183 -7.99 9.52 -0.23
N LEU A 184 -8.39 10.77 -0.44
CA LEU A 184 -9.33 11.07 -1.52
C LEU A 184 -8.68 10.99 -2.90
N LYS A 185 -7.36 11.10 -2.98
CA LYS A 185 -6.72 11.06 -4.28
C LYS A 185 -6.51 9.62 -4.74
N THR A 186 -6.52 9.42 -6.08
CA THR A 186 -6.18 8.09 -6.59
C THR A 186 -4.71 7.84 -6.22
N PRO A 187 -4.26 6.60 -6.26
CA PRO A 187 -2.84 6.34 -5.91
C PRO A 187 -1.89 7.16 -6.76
N ALA A 188 -2.15 7.28 -8.08
CA ALA A 188 -1.22 8.04 -8.92
C ALA A 188 -1.32 9.53 -8.63
N GLN A 189 -2.54 10.04 -8.36
CA GLN A 189 -2.65 11.44 -7.98
C GLN A 189 -1.90 11.73 -6.68
N TYR A 190 -2.08 10.84 -5.68
CA TYR A 190 -1.42 11.01 -4.38
C TYR A 190 0.10 11.04 -4.55
N ASP A 191 0.64 10.06 -5.27
CA ASP A 191 2.08 10.05 -5.47
C ASP A 191 2.56 11.26 -6.26
N ALA A 192 1.86 11.61 -7.34
CA ALA A 192 2.30 12.75 -8.13
C ALA A 192 2.30 14.01 -7.28
N SER A 193 1.23 14.18 -6.45
CA SER A 193 1.16 15.38 -5.61
C SER A 193 2.24 15.38 -4.51
N GLU A 194 2.59 14.20 -3.98
CA GLU A 194 3.69 14.13 -3.00
C GLU A 194 5.05 14.38 -3.67
N LEU A 195 5.21 13.92 -4.91
CA LEU A 195 6.46 14.23 -5.64
C LEU A 195 6.58 15.72 -5.90
N LYS A 196 5.49 16.34 -6.39
CA LYS A 196 5.48 17.79 -6.55
C LYS A 196 5.84 18.50 -5.24
N ALA A 197 5.25 18.05 -4.14
CA ALA A 197 5.50 18.69 -2.84
C ALA A 197 6.96 18.54 -2.42
N SER A 198 7.56 17.38 -2.70
CA SER A 198 8.97 17.18 -2.30
C SER A 198 9.91 18.13 -3.00
N MET A 199 9.50 18.69 -4.13
CA MET A 199 10.37 19.56 -4.94
C MET A 199 10.00 21.05 -4.80
N LYS A 200 9.08 21.38 -3.91
CA LYS A 200 8.55 22.75 -3.77
C LYS A 200 9.43 23.57 -2.83
N GLY A 201 9.51 24.87 -3.09
CA GLY A 201 10.29 25.74 -2.22
C GLY A 201 11.78 25.69 -2.48
N LEU A 202 12.53 26.27 -1.55
CA LEU A 202 13.98 26.27 -1.69
C LEU A 202 14.47 24.89 -1.26
N GLY A 203 15.29 24.25 -2.07
CA GLY A 203 15.72 22.88 -1.77
C GLY A 203 14.62 21.81 -1.85
N THR A 204 15.00 20.62 -1.39
CA THR A 204 14.32 19.38 -1.76
C THR A 204 14.16 18.49 -0.53
N ASP A 205 12.98 17.87 -0.43
CA ASP A 205 12.77 16.82 0.57
C ASP A 205 13.24 15.53 -0.08
N GLU A 206 14.58 15.31 0.00
CA GLU A 206 15.13 14.17 -0.72
C GLU A 206 14.55 12.88 -0.18
N ASP A 207 14.33 12.80 1.14
CA ASP A 207 13.80 11.55 1.72
C ASP A 207 12.49 11.14 1.06
N SER A 208 11.58 12.09 0.84
N SER A 208 11.58 12.11 0.85
CA SER A 208 10.28 11.75 0.27
CA SER A 208 10.28 11.81 0.25
C SER A 208 10.39 11.43 -1.23
C SER A 208 10.42 11.41 -1.21
N LEU A 209 11.19 12.20 -1.97
CA LEU A 209 11.41 11.89 -3.39
C LEU A 209 11.99 10.49 -3.52
N ILE A 210 13.00 10.18 -2.70
CA ILE A 210 13.65 8.86 -2.75
C ILE A 210 12.66 7.75 -2.40
N GLU A 211 11.89 7.95 -1.32
CA GLU A 211 10.92 6.91 -0.92
C GLU A 211 9.98 6.51 -2.06
N ILE A 212 9.37 7.51 -2.73
CA ILE A 212 8.43 7.20 -3.78
C ILE A 212 9.14 6.62 -5.00
N ILE A 213 10.18 7.29 -5.49
CA ILE A 213 10.84 6.86 -6.72
C ILE A 213 11.49 5.48 -6.56
N CYS A 214 12.03 5.19 -5.38
CA CYS A 214 12.70 3.89 -5.19
C CYS A 214 11.74 2.74 -4.96
N SER A 215 10.51 3.02 -4.49
CA SER A 215 9.63 1.91 -4.09
C SER A 215 8.53 1.60 -5.11
N ARG A 216 8.20 2.53 -6.01
CA ARG A 216 7.09 2.28 -6.93
C ARG A 216 7.53 1.36 -8.06
N THR A 217 6.61 0.53 -8.53
CA THR A 217 6.89 -0.43 -9.60
C THR A 217 6.76 0.25 -10.98
N ASN A 218 7.13 -0.49 -12.05
CA ASN A 218 6.97 0.08 -13.39
C ASN A 218 5.53 0.52 -13.63
N GLN A 219 4.57 -0.33 -13.25
CA GLN A 219 3.18 -0.02 -13.57
C GLN A 219 2.72 1.21 -12.80
N GLU A 220 3.14 1.30 -11.54
CA GLU A 220 2.82 2.48 -10.74
C GLU A 220 3.44 3.74 -11.33
N LEU A 221 4.70 3.64 -11.75
CA LEU A 221 5.40 4.81 -12.29
C LEU A 221 4.85 5.22 -13.64
N GLN A 222 4.43 4.27 -14.48
N GLN A 222 4.41 4.26 -14.47
CA GLN A 222 3.78 4.64 -15.73
CA GLN A 222 3.78 4.65 -15.73
C GLN A 222 2.60 5.57 -15.47
C GLN A 222 2.58 5.56 -15.48
N GLU A 223 1.76 5.22 -14.48
CA GLU A 223 0.58 6.02 -14.21
C GLU A 223 0.96 7.33 -13.50
N ILE A 224 1.94 7.31 -12.60
CA ILE A 224 2.41 8.56 -12.02
C ILE A 224 2.93 9.50 -13.10
N ASN A 225 3.77 9.00 -14.03
CA ASN A 225 4.29 9.89 -15.04
C ASN A 225 3.16 10.54 -15.85
N ARG A 226 2.13 9.76 -16.19
CA ARG A 226 1.02 10.31 -16.97
C ARG A 226 0.25 11.35 -16.16
N VAL A 227 -0.10 11.01 -14.92
CA VAL A 227 -0.94 11.88 -14.10
C VAL A 227 -0.20 13.15 -13.69
N TYR A 228 1.11 13.03 -13.41
CA TYR A 228 1.92 14.22 -13.08
C TYR A 228 1.87 15.24 -14.21
N LYS A 229 2.04 14.77 -15.45
CA LYS A 229 1.98 15.65 -16.61
C LYS A 229 0.59 16.28 -16.73
N GLU A 230 -0.45 15.51 -16.49
CA GLU A 230 -1.81 16.05 -16.55
C GLU A 230 -2.06 17.11 -15.48
N MET A 231 -1.62 16.85 -14.25
CA MET A 231 -1.85 17.78 -13.14
C MET A 231 -1.00 19.04 -13.25
N TYR A 232 0.24 18.90 -13.66
CA TYR A 232 1.20 19.99 -13.54
C TYR A 232 1.71 20.53 -14.88
N LYS A 233 1.33 19.95 -16.01
CA LYS A 233 1.67 20.45 -17.35
C LYS A 233 3.16 20.43 -17.63
N THR A 234 3.92 19.68 -16.86
N THR A 234 3.94 19.71 -16.85
CA THR A 234 5.33 19.41 -17.15
CA THR A 234 5.33 19.41 -17.17
C THR A 234 5.57 17.95 -16.86
C THR A 234 5.58 17.96 -16.85
N ASP A 235 6.56 17.36 -17.52
CA ASP A 235 6.88 15.97 -17.23
C ASP A 235 7.57 15.85 -15.89
N LEU A 236 7.23 14.77 -15.15
CA LEU A 236 7.95 14.48 -13.93
C LEU A 236 9.46 14.47 -14.14
N GLU A 237 9.94 13.86 -15.23
CA GLU A 237 11.40 13.80 -15.42
C GLU A 237 12.01 15.20 -15.50
N LYS A 238 11.27 16.14 -16.12
CA LYS A 238 11.82 17.49 -16.24
C LYS A 238 11.91 18.19 -14.89
N ASP A 239 10.92 17.99 -14.01
CA ASP A 239 11.00 18.56 -12.67
C ASP A 239 12.11 17.93 -11.84
N ILE A 240 12.31 16.62 -11.97
CA ILE A 240 13.44 16.01 -11.28
C ILE A 240 14.75 16.59 -11.78
N ILE A 241 14.89 16.75 -13.11
CA ILE A 241 16.15 17.27 -13.65
C ILE A 241 16.38 18.68 -13.12
N SER A 242 15.30 19.47 -13.00
CA SER A 242 15.44 20.85 -12.52
C SER A 242 15.88 20.92 -11.06
N ASP A 243 15.47 19.95 -10.24
CA ASP A 243 15.62 20.05 -8.80
C ASP A 243 16.78 19.23 -8.22
N THR A 244 17.47 18.43 -9.02
CA THR A 244 18.50 17.55 -8.50
C THR A 244 19.73 17.69 -9.39
N SER A 245 20.85 17.14 -8.93
CA SER A 245 22.06 17.25 -9.74
C SER A 245 22.94 16.02 -9.54
N GLY A 246 23.99 15.95 -10.34
CA GLY A 246 25.00 14.92 -10.08
C GLY A 246 24.52 13.51 -10.37
N ASP A 247 25.21 12.54 -9.75
CA ASP A 247 24.80 11.15 -9.89
C ASP A 247 23.45 10.88 -9.22
N PHE A 248 23.10 11.65 -8.18
CA PHE A 248 21.79 11.46 -7.56
C PHE A 248 20.68 11.73 -8.60
N ARG A 249 20.82 12.83 -9.34
CA ARG A 249 19.91 13.11 -10.46
C ARG A 249 19.88 11.95 -11.46
N LYS A 250 21.04 11.46 -11.87
CA LYS A 250 21.04 10.36 -12.84
C LYS A 250 20.27 9.15 -12.31
N LEU A 251 20.46 8.79 -11.06
CA LEU A 251 19.75 7.64 -10.51
C LEU A 251 18.25 7.89 -10.42
N MET A 252 17.84 9.05 -9.93
CA MET A 252 16.40 9.34 -9.83
C MET A 252 15.73 9.36 -11.20
N VAL A 253 16.37 10.00 -12.19
CA VAL A 253 15.80 10.07 -13.54
C VAL A 253 15.64 8.64 -14.09
N ALA A 254 16.67 7.82 -13.90
CA ALA A 254 16.62 6.46 -14.42
C ALA A 254 15.45 5.68 -13.79
N LEU A 255 15.36 5.69 -12.45
CA LEU A 255 14.32 4.93 -11.77
C LEU A 255 12.94 5.44 -12.16
N ALA A 256 12.77 6.76 -12.27
CA ALA A 256 11.46 7.31 -12.49
C ALA A 256 10.87 6.97 -13.84
N LYS A 257 11.70 6.48 -14.79
CA LYS A 257 11.17 6.09 -16.09
C LYS A 257 10.24 4.87 -15.98
N GLY A 258 10.38 4.07 -14.93
CA GLY A 258 9.56 2.85 -14.79
C GLY A 258 9.76 1.89 -15.94
N ARG A 259 11.00 1.68 -16.32
CA ARG A 259 11.34 0.79 -17.45
C ARG A 259 12.30 -0.31 -17.01
N ARG A 260 12.23 -0.71 -15.75
CA ARG A 260 12.96 -1.90 -15.28
C ARG A 260 12.55 -3.13 -16.09
N ALA A 261 13.51 -4.04 -16.34
CA ALA A 261 13.17 -5.32 -16.94
C ALA A 261 12.08 -6.01 -16.14
N GLU A 262 11.12 -6.60 -16.88
CA GLU A 262 10.10 -7.37 -16.16
C GLU A 262 10.67 -8.68 -15.64
N ASP A 263 10.03 -9.19 -14.58
CA ASP A 263 10.43 -10.48 -14.04
C ASP A 263 10.29 -11.55 -15.12
N GLY A 264 11.36 -12.26 -15.38
CA GLY A 264 11.30 -13.32 -16.37
C GLY A 264 10.91 -14.66 -15.76
N SER A 265 10.63 -15.61 -16.64
CA SER A 265 10.33 -16.98 -16.23
C SER A 265 11.57 -17.87 -16.15
N VAL A 266 12.73 -17.36 -16.57
CA VAL A 266 13.98 -18.10 -16.58
C VAL A 266 14.97 -17.32 -15.73
N ILE A 267 15.62 -18.00 -14.80
CA ILE A 267 16.61 -17.36 -13.95
C ILE A 267 17.94 -17.35 -14.71
N ASP A 268 18.56 -16.16 -14.82
CA ASP A 268 19.77 -16.01 -15.64
C ASP A 268 20.99 -16.07 -14.73
N TYR A 269 21.37 -17.32 -14.38
CA TYR A 269 22.46 -17.48 -13.39
C TYR A 269 23.77 -16.90 -13.88
N GLU A 270 24.07 -17.00 -15.19
CA GLU A 270 25.33 -16.43 -15.64
C GLU A 270 25.36 -14.91 -15.42
N LEU A 271 24.26 -14.22 -15.74
CA LEU A 271 24.15 -12.79 -15.55
C LEU A 271 24.10 -12.42 -14.06
N ILE A 272 23.48 -13.26 -13.25
CA ILE A 272 23.51 -13.03 -11.81
C ILE A 272 24.97 -12.94 -11.33
N ASP A 273 25.79 -13.91 -11.73
CA ASP A 273 27.18 -13.88 -11.32
C ASP A 273 27.94 -12.69 -11.94
N GLN A 274 27.70 -12.41 -13.22
CA GLN A 274 28.44 -11.30 -13.84
C GLN A 274 28.07 -9.96 -13.24
N ASP A 275 26.79 -9.75 -12.92
CA ASP A 275 26.37 -8.51 -12.27
C ASP A 275 26.98 -8.40 -10.88
N ALA A 276 26.98 -9.49 -10.10
CA ALA A 276 27.58 -9.44 -8.76
C ALA A 276 29.06 -9.08 -8.87
N ARG A 277 29.79 -9.77 -9.77
CA ARG A 277 31.19 -9.43 -9.97
C ARG A 277 31.37 -7.99 -10.43
N ASP A 278 30.51 -7.51 -11.34
CA ASP A 278 30.63 -6.15 -11.82
C ASP A 278 30.36 -5.13 -10.70
N LEU A 279 29.37 -5.40 -9.82
CA LEU A 279 29.13 -4.48 -8.71
C LEU A 279 30.36 -4.40 -7.79
N TYR A 280 31.00 -5.55 -7.55
CA TYR A 280 32.18 -5.58 -6.70
C TYR A 280 33.34 -4.84 -7.36
N ASP A 281 33.60 -5.15 -8.63
CA ASP A 281 34.70 -4.49 -9.34
C ASP A 281 34.51 -2.99 -9.40
N ALA A 282 33.24 -2.52 -9.46
CA ALA A 282 32.92 -1.12 -9.58
C ALA A 282 33.05 -0.33 -8.28
N GLY A 283 33.13 -1.02 -7.15
CA GLY A 283 33.00 -0.35 -5.87
C GLY A 283 34.08 -0.76 -4.90
N VAL A 284 33.80 -1.80 -4.10
N VAL A 284 33.81 -1.76 -4.05
CA VAL A 284 34.68 -2.17 -3.00
CA VAL A 284 34.75 -2.02 -2.97
C VAL A 284 36.06 -2.58 -3.48
C VAL A 284 36.04 -2.69 -3.43
N LYS A 285 36.15 -3.13 -4.68
CA LYS A 285 37.43 -3.67 -5.14
C LYS A 285 38.42 -2.58 -5.55
N ARG A 286 37.94 -1.37 -5.83
CA ARG A 286 38.78 -0.36 -6.44
C ARG A 286 38.76 0.94 -5.63
N LYS A 287 39.82 1.73 -5.80
CA LYS A 287 39.79 3.10 -5.32
C LYS A 287 38.67 3.87 -6.03
N GLY A 288 37.90 4.60 -5.25
CA GLY A 288 36.72 5.25 -5.80
C GLY A 288 35.66 4.25 -6.21
N THR A 289 34.73 4.75 -7.04
CA THR A 289 33.53 4.01 -7.43
C THR A 289 33.16 4.30 -8.88
N ASP A 290 32.78 3.25 -9.64
CA ASP A 290 32.19 3.45 -10.96
C ASP A 290 30.69 3.54 -10.78
N VAL A 291 30.22 4.75 -10.46
CA VAL A 291 28.79 4.92 -10.11
C VAL A 291 27.88 4.57 -11.29
N PRO A 292 28.19 4.95 -12.54
CA PRO A 292 27.31 4.52 -13.64
C PRO A 292 27.09 3.03 -13.73
N LYS A 293 28.10 2.21 -13.41
CA LYS A 293 27.89 0.77 -13.42
C LYS A 293 26.85 0.35 -12.38
N TRP A 294 26.95 0.90 -11.17
CA TRP A 294 25.94 0.65 -10.14
C TRP A 294 24.56 1.07 -10.60
N ILE A 295 24.46 2.28 -11.18
CA ILE A 295 23.14 2.78 -11.61
C ILE A 295 22.56 1.85 -12.67
N SER A 296 23.37 1.46 -13.66
N SER A 296 23.37 1.44 -13.64
CA SER A 296 22.87 0.62 -14.74
CA SER A 296 22.78 0.65 -14.74
C SER A 296 22.30 -0.68 -14.21
C SER A 296 22.29 -0.70 -14.23
N ILE A 297 23.09 -1.41 -13.42
CA ILE A 297 22.67 -2.71 -12.91
C ILE A 297 21.44 -2.59 -12.01
N MET A 298 21.45 -1.62 -11.10
CA MET A 298 20.37 -1.60 -10.11
C MET A 298 19.08 -0.98 -10.63
N THR A 299 19.10 -0.29 -11.77
CA THR A 299 17.86 0.24 -12.38
C THR A 299 17.32 -0.66 -13.47
N GLU A 300 18.21 -1.39 -14.18
CA GLU A 300 17.72 -2.13 -15.36
C GLU A 300 17.27 -3.55 -15.08
N ARG A 301 17.90 -4.25 -14.14
CA ARG A 301 17.61 -5.67 -13.93
C ARG A 301 16.31 -5.85 -13.13
N SER A 302 15.63 -6.97 -13.37
CA SER A 302 14.39 -7.20 -12.61
C SER A 302 14.68 -7.34 -11.10
N VAL A 303 13.64 -7.13 -10.30
CA VAL A 303 13.81 -7.23 -8.86
C VAL A 303 14.20 -8.64 -8.45
N PRO A 304 13.57 -9.71 -8.92
CA PRO A 304 14.01 -11.04 -8.48
C PRO A 304 15.44 -11.34 -8.89
N HIS A 305 15.83 -10.84 -10.07
CA HIS A 305 17.21 -11.03 -10.49
C HIS A 305 18.16 -10.34 -9.51
N LEU A 306 17.85 -9.09 -9.16
CA LEU A 306 18.75 -8.35 -8.27
C LEU A 306 18.79 -8.94 -6.88
N GLN A 307 17.68 -9.53 -6.39
CA GLN A 307 17.76 -10.21 -5.10
C GLN A 307 18.83 -11.28 -5.12
N LYS A 308 18.88 -12.03 -6.22
CA LYS A 308 19.90 -13.05 -6.35
C LYS A 308 21.30 -12.45 -6.57
N VAL A 309 21.39 -11.35 -7.32
CA VAL A 309 22.68 -10.65 -7.51
C VAL A 309 23.26 -10.24 -6.16
N PHE A 310 22.43 -9.65 -5.30
CA PHE A 310 22.95 -9.20 -4.01
C PHE A 310 23.39 -10.36 -3.12
N ASP A 311 22.73 -11.54 -3.18
CA ASP A 311 23.23 -12.71 -2.48
CA ASP A 311 23.29 -12.68 -2.43
C ASP A 311 24.57 -13.18 -3.05
N ARG A 312 24.66 -13.22 -4.38
CA ARG A 312 25.92 -13.68 -5.00
C ARG A 312 27.04 -12.68 -4.76
N TYR A 313 26.70 -11.40 -4.62
CA TYR A 313 27.67 -10.37 -4.32
C TYR A 313 28.42 -10.66 -3.03
N LYS A 314 27.73 -11.27 -2.05
CA LYS A 314 28.39 -11.60 -0.78
C LYS A 314 29.45 -12.68 -0.92
N SER A 315 29.44 -13.44 -2.02
CA SER A 315 30.52 -14.38 -2.28
C SER A 315 31.81 -13.69 -2.67
N TYR A 316 31.70 -12.52 -3.34
CA TYR A 316 32.88 -11.79 -3.82
C TYR A 316 33.38 -10.75 -2.81
N SER A 317 32.43 -10.12 -2.12
CA SER A 317 32.72 -8.93 -1.31
C SER A 317 32.73 -9.26 0.18
N PRO A 318 33.65 -8.72 0.98
CA PRO A 318 33.59 -8.96 2.43
C PRO A 318 32.43 -8.25 3.11
N TYR A 319 31.77 -7.33 2.42
CA TYR A 319 30.67 -6.52 2.91
C TYR A 319 29.44 -6.77 2.06
N ASP A 320 28.25 -6.77 2.66
CA ASP A 320 27.08 -6.94 1.81
C ASP A 320 26.75 -5.66 1.04
N MET A 321 25.70 -5.70 0.24
CA MET A 321 25.45 -4.55 -0.64
C MET A 321 25.19 -3.26 0.16
N LEU A 322 24.35 -3.33 1.20
CA LEU A 322 24.08 -2.10 1.98
C LEU A 322 25.35 -1.58 2.65
N GLU A 323 26.17 -2.45 3.25
N GLU A 323 26.14 -2.47 3.28
CA GLU A 323 27.40 -1.97 3.86
CA GLU A 323 27.43 -2.08 3.85
C GLU A 323 28.36 -1.44 2.82
C GLU A 323 28.33 -1.44 2.80
N SER A 324 28.39 -2.06 1.63
CA SER A 324 29.23 -1.54 0.56
C SER A 324 28.82 -0.11 0.14
N ILE A 325 27.52 0.14 0.01
CA ILE A 325 27.04 1.48 -0.30
C ILE A 325 27.52 2.48 0.75
N ARG A 326 27.39 2.12 2.03
CA ARG A 326 27.83 3.07 3.06
C ARG A 326 29.32 3.34 2.98
N LYS A 327 30.09 2.37 2.50
CA LYS A 327 31.52 2.61 2.42
C LYS A 327 31.90 3.40 1.17
N GLU A 328 31.13 3.29 0.10
CA GLU A 328 31.55 3.80 -1.20
C GLU A 328 31.05 5.19 -1.52
N VAL A 329 29.81 5.54 -1.10
CA VAL A 329 29.19 6.79 -1.54
C VAL A 329 28.61 7.49 -0.31
N LYS A 330 28.23 8.75 -0.51
CA LYS A 330 27.74 9.60 0.59
C LYS A 330 26.54 10.43 0.11
N GLY A 331 25.98 11.19 1.04
CA GLY A 331 25.00 12.21 0.73
C GLY A 331 23.72 11.66 0.15
N ASP A 332 23.13 12.43 -0.78
CA ASP A 332 21.86 12.02 -1.37
C ASP A 332 22.00 10.73 -2.15
N LEU A 333 23.13 10.57 -2.82
CA LEU A 333 23.35 9.35 -3.60
C LEU A 333 23.34 8.11 -2.71
N GLU A 334 24.05 8.16 -1.59
CA GLU A 334 24.06 7.06 -0.64
C GLU A 334 22.66 6.78 -0.12
N ASN A 335 21.93 7.83 0.26
CA ASN A 335 20.57 7.67 0.76
C ASN A 335 19.71 6.94 -0.30
N ALA A 336 19.82 7.38 -1.55
CA ALA A 336 19.03 6.76 -2.61
C ALA A 336 19.40 5.30 -2.81
N PHE A 337 20.70 4.97 -2.89
CA PHE A 337 21.03 3.55 -3.07
C PHE A 337 20.61 2.70 -1.88
N LEU A 338 20.77 3.20 -0.64
CA LEU A 338 20.33 2.41 0.52
C LEU A 338 18.83 2.13 0.46
N ASN A 339 18.04 3.14 0.12
CA ASN A 339 16.60 2.93 0.03
C ASN A 339 16.26 1.95 -1.09
N LEU A 340 16.87 2.15 -2.26
CA LEU A 340 16.62 1.25 -3.40
C LEU A 340 16.93 -0.21 -3.07
N VAL A 341 18.10 -0.48 -2.44
CA VAL A 341 18.46 -1.86 -2.16
C VAL A 341 17.50 -2.47 -1.14
N GLN A 342 17.09 -1.71 -0.13
CA GLN A 342 16.05 -2.25 0.78
C GLN A 342 14.77 -2.59 0.04
N CYS A 343 14.35 -1.70 -0.86
CA CYS A 343 13.10 -1.92 -1.62
C CYS A 343 13.17 -3.15 -2.46
N ILE A 344 14.34 -3.40 -3.05
CA ILE A 344 14.56 -4.62 -3.84
C ILE A 344 14.58 -5.85 -2.93
N GLN A 345 15.32 -5.79 -1.82
CA GLN A 345 15.51 -6.96 -0.98
C GLN A 345 14.21 -7.36 -0.27
N ASN A 346 13.50 -6.37 0.30
CA ASN A 346 12.31 -6.71 1.10
C ASN A 346 11.51 -5.41 1.27
N LYS A 347 10.56 -5.22 0.37
CA LYS A 347 9.89 -3.90 0.36
C LYS A 347 8.95 -3.76 1.57
N PRO A 348 8.23 -4.79 2.00
CA PRO A 348 7.41 -4.59 3.24
C PRO A 348 8.26 -4.28 4.45
N LEU A 349 9.44 -4.91 4.54
CA LEU A 349 10.35 -4.60 5.65
C LEU A 349 10.90 -3.18 5.51
N TYR A 350 11.15 -2.72 4.27
CA TYR A 350 11.56 -1.33 4.05
C TYR A 350 10.53 -0.37 4.66
N PHE A 351 9.25 -0.64 4.40
CA PHE A 351 8.24 0.27 4.92
C PHE A 351 8.05 0.10 6.42
N ALA A 352 8.16 -1.13 6.93
CA ALA A 352 8.08 -1.33 8.37
C ALA A 352 9.17 -0.53 9.07
N ASP A 353 10.40 -0.55 8.52
CA ASP A 353 11.49 0.20 9.13
C ASP A 353 11.28 1.69 9.04
N ARG A 354 10.76 2.19 7.90
CA ARG A 354 10.49 3.62 7.82
C ARG A 354 9.39 4.04 8.79
N LEU A 355 8.37 3.20 8.97
CA LEU A 355 7.34 3.50 9.98
C LEU A 355 7.93 3.52 11.39
N TYR A 356 8.74 2.52 11.75
CA TYR A 356 9.36 2.52 13.06
C TYR A 356 10.18 3.80 13.25
N ASP A 357 10.97 4.17 12.24
CA ASP A 357 11.82 5.36 12.37
C ASP A 357 10.96 6.62 12.52
N SER A 358 9.76 6.64 11.92
CA SER A 358 8.93 7.84 12.00
C SER A 358 8.34 8.02 13.39
N MET A 359 8.30 6.94 14.21
CA MET A 359 7.69 7.03 15.53
C MET A 359 8.64 6.80 16.70
N LYS A 360 9.80 6.19 16.46
CA LYS A 360 10.57 5.63 17.56
C LYS A 360 11.03 6.68 18.58
N GLY A 361 11.28 7.92 18.15
CA GLY A 361 11.85 8.90 19.02
C GLY A 361 10.87 9.94 19.50
N LYS A 362 11.42 11.10 19.87
CA LYS A 362 10.62 12.22 20.36
C LYS A 362 9.64 12.66 19.27
N GLY A 363 8.38 12.86 19.65
CA GLY A 363 7.36 13.23 18.67
C GLY A 363 7.23 12.21 17.55
N THR A 364 6.80 12.70 16.39
CA THR A 364 6.44 11.84 15.26
C THR A 364 6.82 12.58 13.99
N ARG A 365 7.36 11.85 13.02
CA ARG A 365 7.55 12.39 11.67
C ARG A 365 6.23 12.09 10.96
N ASP A 366 5.23 12.93 11.26
CA ASP A 366 3.87 12.62 10.77
C ASP A 366 3.83 12.56 9.24
N LYS A 367 4.61 13.42 8.56
CA LYS A 367 4.57 13.41 7.10
C LYS A 367 4.86 12.02 6.55
N VAL A 368 5.85 11.34 7.13
CA VAL A 368 6.23 10.03 6.64
C VAL A 368 5.21 8.99 7.06
N LEU A 369 4.81 9.04 8.33
CA LEU A 369 3.82 8.09 8.87
C LEU A 369 2.55 8.13 8.04
N ILE A 370 2.04 9.33 7.79
CA ILE A 370 0.79 9.50 7.01
C ILE A 370 0.96 8.96 5.59
N ARG A 371 2.06 9.33 4.92
CA ARG A 371 2.20 8.95 3.53
C ARG A 371 2.26 7.44 3.37
N ILE A 372 3.01 6.74 4.26
CA ILE A 372 3.10 5.29 4.17
C ILE A 372 1.76 4.65 4.47
N MET A 373 1.04 5.14 5.49
CA MET A 373 -0.25 4.52 5.80
C MET A 373 -1.26 4.77 4.68
N VAL A 374 -1.27 5.97 4.10
CA VAL A 374 -2.20 6.22 2.99
C VAL A 374 -1.80 5.38 1.77
N SER A 375 -0.51 5.43 1.40
CA SER A 375 -0.11 4.84 0.13
C SER A 375 -0.04 3.31 0.17
N ARG A 376 0.16 2.70 1.34
CA ARG A 376 0.34 1.26 1.34
C ARG A 376 -0.85 0.52 1.94
N SER A 377 -1.86 1.22 2.46
N SER A 377 -1.81 1.26 2.49
CA SER A 377 -2.95 0.50 3.13
CA SER A 377 -3.02 0.68 3.06
C SER A 377 -3.70 -0.45 2.19
C SER A 377 -3.62 -0.42 2.18
N GLU A 378 -3.75 -0.15 0.88
CA GLU A 378 -4.36 -1.05 -0.07
C GLU A 378 -3.35 -1.80 -0.94
N VAL A 379 -2.06 -1.81 -0.58
CA VAL A 379 -1.04 -2.48 -1.38
C VAL A 379 -0.52 -3.69 -0.62
N ASP A 380 0.18 -3.46 0.50
CA ASP A 380 0.88 -4.57 1.18
C ASP A 380 0.92 -4.33 2.69
N MET A 381 -0.16 -3.76 3.24
CA MET A 381 -0.14 -3.40 4.66
C MET A 381 -0.01 -4.64 5.55
N LEU A 382 -0.63 -5.77 5.17
CA LEU A 382 -0.51 -6.93 6.06
C LEU A 382 0.93 -7.44 6.09
N LYS A 383 1.62 -7.40 4.95
CA LYS A 383 3.04 -7.86 4.96
C LYS A 383 3.92 -6.89 5.72
N ILE A 384 3.64 -5.59 5.60
CA ILE A 384 4.34 -4.57 6.40
C ILE A 384 4.16 -4.86 7.89
N ARG A 385 2.91 -5.07 8.31
CA ARG A 385 2.58 -5.42 9.69
C ARG A 385 3.31 -6.68 10.14
N SER A 386 3.33 -7.72 9.30
N SER A 386 3.36 -7.71 9.29
CA SER A 386 3.99 -8.96 9.68
CA SER A 386 4.00 -8.95 9.70
C SER A 386 5.49 -8.72 9.91
C SER A 386 5.49 -8.74 9.89
N GLU A 387 6.14 -8.01 8.99
CA GLU A 387 7.57 -7.72 9.16
C GLU A 387 7.79 -6.84 10.39
N PHE A 388 6.91 -5.87 10.59
CA PHE A 388 7.02 -4.97 11.76
C PHE A 388 6.90 -5.75 13.07
N LYS A 389 5.89 -6.63 13.20
CA LYS A 389 5.73 -7.35 14.45
C LYS A 389 6.88 -8.32 14.68
N ARG A 390 7.40 -8.93 13.61
CA ARG A 390 8.48 -9.90 13.77
C ARG A 390 9.75 -9.21 14.26
N LYS A 391 10.01 -8.01 13.75
CA LYS A 391 11.26 -7.32 14.05
C LYS A 391 11.19 -6.61 15.40
N TYR A 392 10.10 -5.86 15.62
CA TYR A 392 10.01 -4.95 16.76
C TYR A 392 9.26 -5.54 17.93
N GLY A 393 8.57 -6.66 17.73
CA GLY A 393 8.05 -7.45 18.83
C GLY A 393 6.64 -7.07 19.21
N LYS A 394 6.26 -5.82 18.97
CA LYS A 394 4.87 -5.43 19.14
C LYS A 394 4.39 -4.91 17.80
N SER A 395 3.08 -4.71 17.71
CA SER A 395 2.48 -4.47 16.42
C SER A 395 2.64 -3.03 15.94
N LEU A 396 2.47 -2.85 14.64
CA LEU A 396 2.38 -1.51 14.08
C LEU A 396 1.25 -0.74 14.77
N TYR A 397 0.13 -1.41 15.00
CA TYR A 397 -0.99 -0.79 15.70
C TYR A 397 -0.56 -0.18 17.03
N TYR A 398 0.16 -0.96 17.82
CA TYR A 398 0.64 -0.52 19.13
C TYR A 398 1.47 0.76 19.01
N TYR A 399 2.41 0.79 18.06
CA TYR A 399 3.26 1.98 17.91
C TYR A 399 2.44 3.20 17.51
N ILE A 400 1.49 3.02 16.61
CA ILE A 400 0.64 4.12 16.21
C ILE A 400 -0.18 4.62 17.39
N GLN A 401 -0.71 3.70 18.20
CA GLN A 401 -1.43 4.09 19.39
C GLN A 401 -0.60 4.92 20.36
N GLN A 402 0.67 4.53 20.56
CA GLN A 402 1.45 5.32 21.51
C GLN A 402 1.85 6.67 20.95
N ASP A 403 2.05 6.77 19.63
CA ASP A 403 2.59 7.99 19.07
C ASP A 403 1.57 9.03 18.65
N THR A 404 0.31 8.65 18.45
CA THR A 404 -0.66 9.60 17.92
C THR A 404 -1.93 9.52 18.79
N LYS A 405 -2.79 10.53 18.66
CA LYS A 405 -4.00 10.59 19.48
C LYS A 405 -5.19 11.10 18.69
N GLY A 406 -6.38 10.95 19.29
CA GLY A 406 -7.57 11.58 18.74
C GLY A 406 -8.09 10.91 17.49
N ASP A 407 -8.87 11.67 16.73
CA ASP A 407 -9.44 11.13 15.51
C ASP A 407 -8.34 10.82 14.49
N TYR A 408 -7.24 11.56 14.54
CA TYR A 408 -6.09 11.25 13.68
C TYR A 408 -5.57 9.85 13.97
N GLN A 409 -5.37 9.54 15.24
CA GLN A 409 -4.97 8.17 15.59
C GLN A 409 -5.99 7.14 15.05
N LYS A 410 -7.29 7.37 15.30
CA LYS A 410 -8.27 6.38 14.84
C LYS A 410 -8.20 6.18 13.33
N ALA A 411 -8.00 7.27 12.57
CA ALA A 411 -7.88 7.13 11.12
C ALA A 411 -6.70 6.24 10.76
N LEU A 412 -5.54 6.48 11.37
CA LEU A 412 -4.36 5.65 11.07
C LEU A 412 -4.57 4.19 11.47
N LEU A 413 -5.24 3.95 12.61
CA LEU A 413 -5.47 2.58 13.02
C LEU A 413 -6.40 1.86 12.05
N TYR A 414 -7.39 2.57 11.48
CA TYR A 414 -8.22 1.91 10.47
C TYR A 414 -7.42 1.59 9.22
N LEU A 415 -6.49 2.47 8.81
CA LEU A 415 -5.62 2.19 7.66
C LEU A 415 -4.66 1.04 7.95
N CYS A 416 -4.25 0.92 9.21
CA CYS A 416 -3.47 -0.25 9.61
C CYS A 416 -4.29 -1.53 9.46
N GLY A 417 -5.59 -1.47 9.84
CA GLY A 417 -6.54 -2.55 9.57
C GLY A 417 -6.90 -3.35 10.79
N GLY A 418 -5.90 -3.64 11.61
CA GLY A 418 -6.12 -4.48 12.79
C GLY A 418 -4.81 -4.56 13.56
N ASP A 419 -4.91 -5.13 14.74
CA ASP A 419 -3.75 -5.38 15.59
C ASP A 419 -3.14 -6.74 15.26
N ASP A 420 -1.90 -6.94 15.67
CA ASP A 420 -1.21 -8.21 15.50
C ASP A 420 -0.67 -8.69 16.85
N LYS B 5 -31.37 -21.09 8.11
CA LYS B 5 -31.97 -20.92 9.46
C LYS B 5 -30.89 -20.40 10.39
N LYS B 6 -29.71 -21.04 10.36
CA LYS B 6 -28.61 -20.59 11.25
C LYS B 6 -27.89 -19.42 10.58
N ILE B 7 -27.79 -18.29 11.27
CA ILE B 7 -27.06 -17.10 10.74
C ILE B 7 -25.92 -16.77 11.70
N THR B 8 -24.66 -16.68 11.23
CA THR B 8 -23.54 -16.45 12.19
C THR B 8 -22.56 -15.40 11.64
N THR B 9 -22.41 -14.28 12.36
CA THR B 9 -21.42 -13.23 11.98
C THR B 9 -20.01 -13.80 12.17
N VAL B 10 -19.27 -13.99 11.08
CA VAL B 10 -17.91 -14.61 11.13
C VAL B 10 -16.94 -13.69 11.89
#